data_4QJ2
#
_entry.id   4QJ2
#
_cell.length_a   52.185
_cell.length_b   63.341
_cell.length_c   58.769
_cell.angle_alpha   90.00
_cell.angle_beta   98.27
_cell.angle_gamma   90.00
#
_symmetry.space_group_name_H-M   'P 1 21 1'
#
loop_
_entity.id
_entity.type
_entity.pdbx_description
1 polymer Protease
2 polymer 'p1-p6 peptide'
3 non-polymer GLYCEROL
4 non-polymer 'SULFATE ION'
5 non-polymer 'PHOSPHATE ION'
6 water water
#
loop_
_entity_poly.entity_id
_entity_poly.type
_entity_poly.pdbx_seq_one_letter_code
_entity_poly.pdbx_strand_id
1 'polypeptide(L)'
;PQITLWKRPLVTIRIGGQLKEALLNTGADDTVLEEMNLPGKWKPKMIGGVGGFIKVRQYDQIPIEICGHKVIGTVLVGPT
PVNIIGRNLLTQIGCTLNF
;
A,B,C,D
2 'polypeptide(L)' RPGNFLQSRP F,G
#
# COMPACT_ATOMS: atom_id res chain seq x y z
N PRO A 1 -4.15 -2.42 21.46
CA PRO A 1 -5.28 -3.08 22.11
C PRO A 1 -5.91 -4.18 21.28
N GLN A 2 -6.90 -4.86 21.87
CA GLN A 2 -7.59 -5.96 21.23
C GLN A 2 -9.09 -5.66 21.21
N ILE A 3 -9.67 -5.54 20.03
CA ILE A 3 -11.06 -5.20 19.90
C ILE A 3 -11.88 -6.45 19.58
N THR A 4 -12.91 -6.68 20.39
CA THR A 4 -13.82 -7.79 20.20
C THR A 4 -14.90 -7.41 19.17
N LEU A 5 -15.72 -8.39 18.78
CA LEU A 5 -16.64 -8.21 17.67
C LEU A 5 -18.12 -8.49 18.03
N TRP A 6 -18.46 -8.38 19.30
CA TRP A 6 -19.86 -8.45 19.74
C TRP A 6 -20.62 -7.28 19.18
N LYS A 7 -19.93 -6.15 19.04
CA LYS A 7 -20.50 -4.97 18.42
C LYS A 7 -19.68 -4.58 17.24
N ARG A 8 -20.16 -3.64 16.45
CA ARG A 8 -19.40 -3.12 15.32
C ARG A 8 -18.09 -2.53 15.80
N PRO A 9 -16.95 -2.97 15.23
CA PRO A 9 -15.70 -2.34 15.67
C PRO A 9 -15.52 -0.89 15.16
N LEU A 10 -16.24 0.03 15.78
CA LEU A 10 -16.19 1.45 15.43
C LEU A 10 -15.11 2.13 16.23
N VAL A 11 -14.35 3.03 15.62
CA VAL A 11 -13.33 3.77 16.36
C VAL A 11 -13.39 5.24 16.00
N THR A 12 -12.76 6.08 16.82
CA THR A 12 -12.68 7.48 16.52
C THR A 12 -11.45 7.71 15.65
N ILE A 13 -11.64 8.51 14.62
CA ILE A 13 -10.59 8.90 13.71
C ILE A 13 -10.59 10.42 13.59
N ARG A 14 -9.46 10.97 13.20
CA ARG A 14 -9.35 12.39 13.00
C ARG A 14 -8.74 12.57 11.61
N ILE A 15 -9.46 13.36 10.80
CA ILE A 15 -9.07 13.64 9.43
C ILE A 15 -9.51 15.05 9.06
N GLY A 16 -8.62 15.82 8.44
CA GLY A 16 -8.87 17.24 8.21
C GLY A 16 -9.11 17.96 9.52
N GLY A 17 -8.49 17.45 10.58
CA GLY A 17 -8.70 17.98 11.93
C GLY A 17 -10.13 17.86 12.44
N GLN A 18 -10.89 16.95 11.83
CA GLN A 18 -12.29 16.67 12.20
C GLN A 18 -12.38 15.26 12.79
N LEU A 19 -13.11 15.10 13.87
CA LEU A 19 -13.28 13.80 14.53
C LEU A 19 -14.52 13.11 13.98
N LYS A 20 -14.40 11.83 13.67
CA LYS A 20 -15.50 11.02 13.13
C LYS A 20 -15.45 9.60 13.71
N GLU A 21 -16.54 8.85 13.59
CA GLU A 21 -16.53 7.41 13.90
C GLU A 21 -16.43 6.63 12.58
N ALA A 22 -15.56 5.62 12.57
CA ALA A 22 -15.37 4.77 11.40
C ALA A 22 -15.20 3.30 11.77
N LEU A 23 -15.53 2.46 10.82
CA LEU A 23 -15.63 1.01 11.03
C LEU A 23 -14.34 0.28 10.55
N LEU A 24 -13.70 -0.46 11.45
CA LEU A 24 -12.55 -1.27 11.10
C LEU A 24 -13.04 -2.48 10.35
N ASN A 25 -12.77 -2.46 9.04
CA ASN A 25 -13.38 -3.34 8.10
C ASN A 25 -12.38 -4.18 7.31
N THR A 26 -12.11 -5.40 7.81
CA THR A 26 -11.22 -6.35 7.13
C THR A 26 -11.75 -6.86 5.80
N GLY A 27 -13.02 -6.67 5.54
CA GLY A 27 -13.61 -6.99 4.22
C GLY A 27 -13.54 -5.89 3.18
N ALA A 28 -12.81 -4.82 3.47
CA ALA A 28 -12.65 -3.72 2.52
C ALA A 28 -11.20 -3.57 2.16
N ASP A 29 -10.89 -3.54 0.86
CA ASP A 29 -9.52 -3.30 0.41
C ASP A 29 -9.11 -1.86 0.71
N ASP A 30 -10.08 -0.96 0.59
CA ASP A 30 -9.86 0.48 0.65
C ASP A 30 -10.64 1.15 1.79
N THR A 31 -10.25 2.40 2.07
CA THR A 31 -10.85 3.25 3.07
C THR A 31 -11.81 4.23 2.35
N VAL A 32 -13.06 4.24 2.77
CA VAL A 32 -14.03 5.16 2.17
C VAL A 32 -14.84 5.86 3.23
N LEU A 33 -14.94 7.17 3.06
CA LEU A 33 -15.60 8.03 4.01
C LEU A 33 -16.77 8.72 3.35
N GLU A 34 -17.79 8.97 4.17
CA GLU A 34 -18.95 9.74 3.75
C GLU A 34 -18.51 11.07 3.18
N GLU A 35 -19.37 11.59 2.30
CA GLU A 35 -19.19 12.87 1.66
C GLU A 35 -18.56 13.91 2.60
N MET A 36 -17.42 14.46 2.18
CA MET A 36 -16.73 15.47 2.93
C MET A 36 -15.77 16.18 1.99
N ASN A 37 -15.09 17.18 2.52
CA ASN A 37 -14.05 17.89 1.79
C ASN A 37 -12.68 17.45 2.21
N LEU A 38 -11.83 17.25 1.21
CA LEU A 38 -10.43 16.99 1.43
C LEU A 38 -9.71 17.85 0.43
N PRO A 39 -8.48 18.26 0.75
CA PRO A 39 -7.73 19.15 -0.12
C PRO A 39 -7.00 18.38 -1.19
N GLY A 40 -6.65 19.07 -2.27
CA GLY A 40 -5.80 18.50 -3.31
C GLY A 40 -6.52 17.91 -4.51
N LYS A 41 -5.71 17.33 -5.39
CA LYS A 41 -6.16 16.62 -6.56
C LYS A 41 -6.88 15.35 -6.14
N TRP A 42 -7.84 14.93 -6.94
CA TRP A 42 -8.46 13.65 -6.75
C TRP A 42 -8.84 13.08 -8.09
N LYS A 43 -9.10 11.78 -8.14
CA LYS A 43 -9.62 11.18 -9.34
C LYS A 43 -10.78 10.25 -9.03
N PRO A 44 -11.67 10.08 -10.00
CA PRO A 44 -12.85 9.28 -9.77
C PRO A 44 -12.54 7.82 -9.80
N LYS A 45 -13.19 7.05 -8.93
CA LYS A 45 -13.11 5.60 -8.92
C LYS A 45 -14.47 4.99 -8.64
N MET A 46 -14.67 3.79 -9.16
CA MET A 46 -15.82 2.96 -8.79
C MET A 46 -15.36 1.96 -7.74
N ILE A 47 -16.17 1.76 -6.74
CA ILE A 47 -15.94 0.70 -5.78
C ILE A 47 -17.21 -0.05 -5.60
N GLY A 48 -17.09 -1.34 -5.38
CA GLY A 48 -18.27 -2.14 -5.24
C GLY A 48 -18.21 -3.03 -4.06
N GLY A 49 -19.40 -3.41 -3.61
CA GLY A 49 -19.55 -4.27 -2.46
C GLY A 49 -20.76 -5.18 -2.61
N VAL A 50 -21.43 -5.43 -1.49
CA VAL A 50 -22.68 -6.14 -1.53
C VAL A 50 -23.68 -5.17 -2.17
N GLY A 51 -24.39 -5.64 -3.17
CA GLY A 51 -25.42 -4.78 -3.76
C GLY A 51 -25.01 -3.74 -4.79
N GLY A 52 -23.78 -3.76 -5.28
CA GLY A 52 -23.43 -2.89 -6.41
C GLY A 52 -22.31 -1.90 -6.13
N PHE A 53 -22.19 -0.90 -6.99
CA PHE A 53 -21.04 0.00 -6.93
C PHE A 53 -21.45 1.43 -6.65
N ILE A 54 -20.50 2.18 -6.11
CA ILE A 54 -20.69 3.61 -5.96
C ILE A 54 -19.48 4.29 -6.56
N LYS A 55 -19.72 5.51 -7.02
CA LYS A 55 -18.70 6.37 -7.55
C LYS A 55 -18.10 7.20 -6.41
N VAL A 56 -16.77 7.27 -6.33
CA VAL A 56 -16.10 7.98 -5.24
C VAL A 56 -14.93 8.79 -5.78
N ARG A 57 -14.45 9.73 -4.97
CA ARG A 57 -13.28 10.52 -5.30
C ARG A 57 -12.08 9.95 -4.54
N GLN A 58 -11.02 9.65 -5.27
CA GLN A 58 -9.81 9.11 -4.65
C GLN A 58 -8.84 10.22 -4.32
N TYR A 59 -8.60 10.45 -3.04
CA TYR A 59 -7.54 11.38 -2.61
C TYR A 59 -6.33 10.59 -2.09
N ASP A 60 -5.10 10.97 -2.49
CA ASP A 60 -3.87 10.27 -2.05
C ASP A 60 -3.07 11.07 -1.06
N GLN A 61 -2.23 10.36 -0.30
CA GLN A 61 -1.34 10.97 0.67
C GLN A 61 -2.08 11.88 1.65
N ILE A 62 -3.16 11.35 2.24
CA ILE A 62 -3.96 12.09 3.18
C ILE A 62 -3.65 11.64 4.61
N PRO A 63 -3.31 12.59 5.50
CA PRO A 63 -3.10 12.19 6.89
C PRO A 63 -4.43 11.88 7.61
N ILE A 64 -4.40 10.82 8.40
CA ILE A 64 -5.55 10.36 9.15
C ILE A 64 -5.08 9.64 10.40
N GLU A 65 -5.67 9.99 11.53
CA GLU A 65 -5.32 9.39 12.78
C GLU A 65 -6.40 8.36 13.17
N ILE A 66 -5.96 7.13 13.43
CA ILE A 66 -6.88 6.01 13.65
C ILE A 66 -6.61 5.42 15.02
N CYS A 67 -7.52 5.66 15.97
N CYS A 67 -7.60 5.56 15.92
CA CYS A 67 -7.34 5.20 17.34
CA CYS A 67 -7.43 5.39 17.37
C CYS A 67 -5.95 5.58 17.85
C CYS A 67 -5.98 5.59 17.82
N GLY A 68 -5.52 6.82 17.62
CA GLY A 68 -4.22 7.28 18.13
C GLY A 68 -3.00 6.95 17.29
N HIS A 69 -3.15 6.20 16.21
CA HIS A 69 -2.05 5.96 15.27
C HIS A 69 -2.15 6.88 14.07
N LYS A 70 -1.12 7.68 13.85
CA LYS A 70 -1.11 8.62 12.74
C LYS A 70 -0.53 7.95 11.52
N VAL A 71 -1.31 7.85 10.46
CA VAL A 71 -0.81 7.33 9.20
C VAL A 71 -1.21 8.22 8.05
N ILE A 72 -0.61 7.96 6.89
CA ILE A 72 -0.90 8.72 5.68
C ILE A 72 -1.09 7.76 4.54
N GLY A 73 -2.15 7.99 3.79
CA GLY A 73 -2.52 7.05 2.75
C GLY A 73 -3.70 7.52 1.95
N THR A 74 -4.25 6.58 1.19
CA THR A 74 -5.24 6.87 0.22
C THR A 74 -6.58 6.78 0.90
N VAL A 75 -7.37 7.83 0.69
CA VAL A 75 -8.69 7.91 1.23
C VAL A 75 -9.69 8.22 0.11
N LEU A 76 -10.77 7.44 0.10
CA LEU A 76 -11.84 7.61 -0.85
C LEU A 76 -13.01 8.34 -0.20
N VAL A 77 -13.68 9.19 -0.97
CA VAL A 77 -14.82 9.88 -0.43
C VAL A 77 -16.01 9.73 -1.38
N GLY A 78 -17.14 9.32 -0.81
CA GLY A 78 -18.39 9.22 -1.56
C GLY A 78 -19.56 8.74 -0.73
N PRO A 79 -20.64 8.28 -1.39
CA PRO A 79 -21.87 7.95 -0.69
C PRO A 79 -21.91 6.57 -0.02
N THR A 80 -20.88 6.26 0.76
CA THR A 80 -20.91 5.05 1.60
C THR A 80 -21.91 5.27 2.73
N PRO A 81 -22.67 4.22 3.13
CA PRO A 81 -23.54 4.39 4.29
C PRO A 81 -22.79 4.67 5.59
N VAL A 82 -21.58 4.16 5.71
CA VAL A 82 -20.76 4.42 6.89
C VAL A 82 -19.30 4.61 6.54
N ASN A 83 -18.62 5.32 7.42
CA ASN A 83 -17.18 5.50 7.37
C ASN A 83 -16.49 4.15 7.57
N ILE A 84 -15.60 3.82 6.65
CA ILE A 84 -14.97 2.53 6.56
C ILE A 84 -13.46 2.66 6.51
N ILE A 85 -12.78 1.97 7.42
CA ILE A 85 -11.33 1.85 7.44
C ILE A 85 -10.97 0.49 6.85
N GLY A 86 -10.28 0.53 5.72
CA GLY A 86 -10.01 -0.65 4.94
C GLY A 86 -8.62 -1.15 5.12
N ARG A 87 -8.29 -2.26 4.45
CA ARG A 87 -6.97 -2.92 4.62
C ARG A 87 -5.78 -2.03 4.27
N ASN A 88 -5.95 -1.10 3.34
CA ASN A 88 -4.83 -0.20 2.99
C ASN A 88 -4.31 0.57 4.20
N LEU A 89 -5.19 0.90 5.15
CA LEU A 89 -4.77 1.58 6.38
C LEU A 89 -4.65 0.64 7.60
N LEU A 90 -5.49 -0.39 7.67
CA LEU A 90 -5.37 -1.38 8.76
C LEU A 90 -3.93 -1.89 8.85
N THR A 91 -3.33 -2.21 7.70
CA THR A 91 -1.95 -2.69 7.64
C THR A 91 -0.98 -1.64 8.17
N GLN A 92 -1.23 -0.36 7.90
CA GLN A 92 -0.34 0.71 8.36
C GLN A 92 -0.31 0.88 9.87
N ILE A 93 -1.43 0.64 10.57
CA ILE A 93 -1.41 0.68 12.04
C ILE A 93 -1.02 -0.67 12.67
N GLY A 94 -0.68 -1.67 11.87
CA GLY A 94 -0.29 -3.00 12.41
C GLY A 94 -1.45 -3.82 12.96
N CYS A 95 -2.63 -3.61 12.40
CA CYS A 95 -3.79 -4.35 12.81
C CYS A 95 -3.80 -5.76 12.21
N THR A 96 -4.06 -6.77 13.05
CA THR A 96 -4.17 -8.14 12.59
C THR A 96 -5.49 -8.72 13.08
N LEU A 97 -5.91 -9.81 12.43
CA LEU A 97 -6.98 -10.69 12.93
C LEU A 97 -6.38 -11.83 13.70
N ASN A 98 -6.95 -12.13 14.85
CA ASN A 98 -6.39 -13.11 15.77
C ASN A 98 -7.44 -14.01 16.37
N PHE A 99 -7.28 -15.32 16.22
CA PHE A 99 -8.16 -16.27 16.90
C PHE A 99 -7.47 -17.58 17.25
N PRO B 1 -4.67 -18.51 14.98
CA PRO B 1 -3.63 -17.88 14.19
C PRO B 1 -3.71 -16.37 14.19
N GLN B 2 -2.60 -15.73 13.84
CA GLN B 2 -2.58 -14.31 13.58
C GLN B 2 -2.57 -14.06 12.07
N ILE B 3 -3.55 -13.33 11.55
CA ILE B 3 -3.64 -13.13 10.11
C ILE B 3 -3.41 -11.64 9.81
N THR B 4 -2.39 -11.38 9.02
CA THR B 4 -2.05 -10.03 8.62
C THR B 4 -2.94 -9.69 7.44
N LEU B 5 -3.08 -8.42 7.13
CA LEU B 5 -4.09 -7.97 6.20
C LEU B 5 -3.52 -7.36 4.91
N TRP B 6 -2.31 -7.76 4.55
CA TRP B 6 -1.71 -7.34 3.26
C TRP B 6 -2.48 -7.92 2.09
N LYS B 7 -3.18 -9.02 2.36
CA LYS B 7 -4.03 -9.75 1.44
C LYS B 7 -5.43 -9.79 1.99
N ARG B 8 -6.41 -10.05 1.14
CA ARG B 8 -7.77 -10.36 1.57
C ARG B 8 -7.75 -11.61 2.48
N PRO B 9 -8.36 -11.55 3.67
CA PRO B 9 -8.29 -12.72 4.58
C PRO B 9 -9.27 -13.84 4.20
N LEU B 10 -8.87 -14.63 3.21
CA LEU B 10 -9.71 -15.69 2.71
C LEU B 10 -9.32 -17.01 3.38
N VAL B 11 -10.32 -17.76 3.82
CA VAL B 11 -10.12 -19.03 4.47
C VAL B 11 -11.10 -20.06 3.93
N THR B 12 -10.86 -21.30 4.31
CA THR B 12 -11.75 -22.40 3.90
C THR B 12 -12.84 -22.58 4.94
N ILE B 13 -14.04 -22.75 4.46
CA ILE B 13 -15.14 -23.11 5.32
C ILE B 13 -15.77 -24.39 4.78
N ARG B 14 -16.47 -25.06 5.68
CA ARG B 14 -17.19 -26.25 5.34
C ARG B 14 -18.62 -26.07 5.79
N ILE B 15 -19.54 -26.24 4.85
CA ILE B 15 -20.93 -26.07 5.15
C ILE B 15 -21.75 -26.90 4.20
N GLY B 16 -22.74 -27.62 4.74
CA GLY B 16 -23.59 -28.49 3.96
C GLY B 16 -22.80 -29.53 3.17
N GLY B 17 -21.81 -30.15 3.81
CA GLY B 17 -20.89 -31.07 3.15
C GLY B 17 -20.04 -30.51 2.00
N GLN B 18 -20.05 -29.19 1.82
CA GLN B 18 -19.25 -28.53 0.79
C GLN B 18 -18.12 -27.71 1.40
N LEU B 19 -16.95 -27.74 0.79
CA LEU B 19 -15.88 -26.82 1.08
C LEU B 19 -16.05 -25.55 0.28
N LYS B 20 -15.85 -24.40 0.91
CA LYS B 20 -15.89 -23.12 0.19
C LYS B 20 -14.82 -22.16 0.70
N GLU B 21 -14.48 -21.21 -0.15
CA GLU B 21 -13.57 -20.14 0.23
C GLU B 21 -14.41 -18.97 0.73
N ALA B 22 -14.01 -18.35 1.83
CA ALA B 22 -14.72 -17.17 2.33
C ALA B 22 -13.82 -16.12 3.00
N LEU B 23 -14.39 -14.94 3.17
CA LEU B 23 -13.68 -13.75 3.55
C LEU B 23 -14.02 -13.37 4.99
N LEU B 24 -13.04 -13.33 5.84
CA LEU B 24 -13.20 -12.92 7.23
C LEU B 24 -13.43 -11.41 7.35
N ASN B 25 -14.64 -11.05 7.69
CA ASN B 25 -15.15 -9.72 7.49
C ASN B 25 -15.72 -9.04 8.71
N THR B 26 -14.86 -8.31 9.38
CA THR B 26 -15.20 -7.51 10.53
C THR B 26 -16.20 -6.41 10.24
N GLY B 27 -16.34 -6.03 8.98
CA GLY B 27 -17.29 -5.01 8.52
C GLY B 27 -18.67 -5.51 8.15
N ALA B 28 -18.92 -6.79 8.41
CA ALA B 28 -20.20 -7.39 8.15
C ALA B 28 -20.81 -7.88 9.45
N ASP B 29 -22.06 -7.48 9.72
CA ASP B 29 -22.79 -7.96 10.90
C ASP B 29 -23.07 -9.45 10.74
N ASP B 30 -23.33 -9.87 9.49
CA ASP B 30 -23.85 -11.20 9.22
C ASP B 30 -22.94 -11.96 8.29
N THR B 31 -23.22 -13.25 8.21
CA THR B 31 -22.51 -14.15 7.33
C THR B 31 -23.39 -14.37 6.11
N VAL B 32 -22.84 -14.09 4.94
CA VAL B 32 -23.62 -14.24 3.71
C VAL B 32 -22.84 -14.99 2.68
N LEU B 33 -23.49 -15.97 2.08
CA LEU B 33 -22.86 -16.85 1.12
C LEU B 33 -23.60 -16.80 -0.22
N GLU B 34 -22.83 -17.03 -1.28
CA GLU B 34 -23.35 -17.16 -2.63
C GLU B 34 -24.45 -18.22 -2.66
N GLU B 35 -25.28 -18.12 -3.69
CA GLU B 35 -26.36 -19.05 -3.93
C GLU B 35 -25.97 -20.47 -3.63
N MET B 36 -26.81 -21.14 -2.82
CA MET B 36 -26.62 -22.54 -2.51
C MET B 36 -27.90 -23.00 -1.87
N ASN B 37 -28.01 -24.31 -1.70
CA ASN B 37 -29.10 -24.92 -0.96
C ASN B 37 -28.68 -25.26 0.44
N LEU B 38 -29.55 -24.93 1.39
CA LEU B 38 -29.43 -25.40 2.76
C LEU B 38 -30.73 -26.06 3.15
N PRO B 39 -30.68 -26.99 4.12
CA PRO B 39 -31.90 -27.63 4.56
C PRO B 39 -32.72 -26.81 5.53
N GLY B 40 -34.00 -27.13 5.60
CA GLY B 40 -34.90 -26.54 6.58
C GLY B 40 -35.54 -25.24 6.13
N LYS B 41 -36.25 -24.63 7.08
CA LYS B 41 -36.98 -23.39 6.86
C LYS B 41 -36.05 -22.19 6.71
N TRP B 42 -36.56 -21.16 6.08
CA TRP B 42 -35.83 -19.91 5.97
C TRP B 42 -36.79 -18.77 6.01
N LYS B 43 -36.25 -17.57 6.20
CA LYS B 43 -37.06 -16.38 6.06
C LYS B 43 -36.38 -15.30 5.22
N PRO B 44 -37.15 -14.60 4.37
CA PRO B 44 -36.54 -13.59 3.55
C PRO B 44 -36.01 -12.45 4.40
N LYS B 45 -34.89 -11.86 3.98
CA LYS B 45 -34.30 -10.67 4.62
C LYS B 45 -33.67 -9.77 3.57
N MET B 46 -33.54 -8.50 3.92
CA MET B 46 -32.76 -7.57 3.10
C MET B 46 -31.55 -7.15 3.92
N ILE B 47 -30.40 -7.15 3.28
CA ILE B 47 -29.19 -6.66 3.90
C ILE B 47 -28.62 -5.56 3.03
N GLY B 48 -27.86 -4.67 3.65
CA GLY B 48 -27.30 -3.52 2.95
C GLY B 48 -25.79 -3.52 2.98
N GLY B 49 -25.21 -2.97 1.93
CA GLY B 49 -23.76 -2.86 1.80
C GLY B 49 -23.35 -1.49 1.30
N VAL B 50 -22.18 -1.44 0.65
CA VAL B 50 -21.62 -0.17 0.23
C VAL B 50 -22.39 0.43 -0.93
N GLY B 51 -22.86 -0.42 -1.84
CA GLY B 51 -23.55 0.07 -3.03
C GLY B 51 -25.05 -0.16 -3.08
N GLY B 52 -25.64 -0.47 -1.92
CA GLY B 52 -27.11 -0.65 -1.80
C GLY B 52 -27.49 -1.94 -1.08
N PHE B 53 -28.66 -2.49 -1.41
CA PHE B 53 -29.24 -3.62 -0.68
C PHE B 53 -29.45 -4.84 -1.57
N ILE B 54 -29.36 -6.02 -0.96
CA ILE B 54 -29.78 -7.24 -1.60
C ILE B 54 -30.70 -8.05 -0.70
N LYS B 55 -31.54 -8.84 -1.35
CA LYS B 55 -32.44 -9.75 -0.70
C LYS B 55 -31.69 -11.07 -0.51
N VAL B 56 -31.86 -11.65 0.68
CA VAL B 56 -31.28 -12.93 0.98
C VAL B 56 -32.26 -13.89 1.65
N ARG B 57 -31.85 -15.16 1.74
CA ARG B 57 -32.62 -16.17 2.51
C ARG B 57 -31.94 -16.43 3.84
N GLN B 58 -32.64 -16.26 4.92
CA GLN B 58 -32.06 -16.44 6.24
C GLN B 58 -32.30 -17.84 6.79
N TYR B 59 -31.22 -18.55 7.06
CA TYR B 59 -31.29 -19.87 7.67
C TYR B 59 -30.65 -19.84 9.04
N ASP B 60 -31.37 -20.37 10.02
CA ASP B 60 -30.92 -20.34 11.42
C ASP B 60 -30.32 -21.68 11.87
N GLN B 61 -29.46 -21.59 12.88
CA GLN B 61 -28.75 -22.71 13.45
C GLN B 61 -28.13 -23.68 12.45
N ILE B 62 -27.45 -23.13 11.44
CA ILE B 62 -26.74 -23.94 10.48
C ILE B 62 -25.36 -24.27 11.05
N PRO B 63 -24.95 -25.58 11.03
CA PRO B 63 -23.57 -25.87 11.43
C PRO B 63 -22.59 -25.50 10.33
N ILE B 64 -21.49 -24.88 10.71
CA ILE B 64 -20.47 -24.44 9.75
C ILE B 64 -19.09 -24.56 10.39
N GLU B 65 -18.09 -25.03 9.64
CA GLU B 65 -16.72 -25.11 10.14
C GLU B 65 -15.83 -24.04 9.49
N ILE B 66 -15.11 -23.30 10.32
CA ILE B 66 -14.28 -22.17 9.89
C ILE B 66 -12.91 -22.34 10.54
N CYS B 67 -11.90 -22.63 9.73
CA CYS B 67 -10.52 -22.83 10.20
C CYS B 67 -10.47 -23.79 11.36
N GLY B 68 -11.06 -24.95 11.18
CA GLY B 68 -11.10 -25.93 12.25
C GLY B 68 -11.88 -25.50 13.49
N HIS B 69 -12.75 -24.50 13.38
CA HIS B 69 -13.74 -24.24 14.44
C HIS B 69 -15.12 -24.70 13.99
N LYS B 70 -15.67 -25.66 14.74
CA LYS B 70 -17.02 -26.14 14.46
C LYS B 70 -18.02 -25.31 15.21
N VAL B 71 -18.79 -24.51 14.46
CA VAL B 71 -19.73 -23.58 15.07
C VAL B 71 -21.11 -23.71 14.44
N ILE B 72 -22.06 -22.95 14.96
CA ILE B 72 -23.45 -23.03 14.52
C ILE B 72 -24.05 -21.63 14.60
N GLY B 73 -24.61 -21.19 13.49
CA GLY B 73 -25.33 -19.93 13.51
C GLY B 73 -26.17 -19.62 12.28
N THR B 74 -26.54 -18.36 12.20
CA THR B 74 -27.36 -17.87 11.13
C THR B 74 -26.52 -17.67 9.88
N VAL B 75 -27.04 -18.15 8.76
CA VAL B 75 -26.37 -18.05 7.48
C VAL B 75 -27.36 -17.45 6.48
N LEU B 76 -26.91 -16.42 5.79
CA LEU B 76 -27.70 -15.76 4.76
C LEU B 76 -27.23 -16.20 3.41
N VAL B 77 -28.17 -16.47 2.52
CA VAL B 77 -27.87 -16.93 1.16
C VAL B 77 -28.46 -15.98 0.13
N GLY B 78 -27.61 -15.52 -0.77
CA GLY B 78 -28.01 -14.57 -1.83
C GLY B 78 -26.84 -14.03 -2.64
N PRO B 79 -27.12 -12.99 -3.49
CA PRO B 79 -26.13 -12.62 -4.50
C PRO B 79 -25.01 -11.72 -4.01
N THR B 80 -24.32 -12.14 -2.97
CA THR B 80 -23.07 -11.51 -2.57
C THR B 80 -21.98 -11.90 -3.59
N PRO B 81 -21.09 -10.96 -3.98
CA PRO B 81 -20.06 -11.41 -4.94
C PRO B 81 -18.94 -12.26 -4.31
N VAL B 82 -18.85 -12.24 -2.98
CA VAL B 82 -17.89 -13.05 -2.27
C VAL B 82 -18.55 -13.65 -1.03
N ASN B 83 -18.29 -14.92 -0.77
CA ASN B 83 -18.64 -15.52 0.50
C ASN B 83 -18.04 -14.72 1.65
N ILE B 84 -18.88 -14.37 2.62
CA ILE B 84 -18.50 -13.47 3.71
C ILE B 84 -18.78 -14.07 5.10
N ILE B 85 -17.76 -14.14 5.95
CA ILE B 85 -17.94 -14.54 7.36
C ILE B 85 -18.04 -13.29 8.26
N GLY B 86 -19.20 -13.08 8.84
CA GLY B 86 -19.46 -11.85 9.57
C GLY B 86 -19.30 -12.00 11.08
N ARG B 87 -19.56 -10.91 11.80
CA ARG B 87 -19.36 -10.90 13.27
C ARG B 87 -20.13 -11.98 14.04
N ASN B 88 -21.30 -12.36 13.55
CA ASN B 88 -22.07 -13.41 14.20
C ASN B 88 -21.29 -14.72 14.35
N LEU B 89 -20.43 -15.05 13.38
CA LEU B 89 -19.59 -16.24 13.51
C LEU B 89 -18.17 -15.90 13.99
N LEU B 90 -17.68 -14.71 13.70
CA LEU B 90 -16.31 -14.37 14.11
C LEU B 90 -16.19 -14.37 15.62
N THR B 91 -17.25 -13.94 16.31
CA THR B 91 -17.27 -13.94 17.76
C THR B 91 -17.22 -15.37 18.25
N GLN B 92 -17.92 -16.26 17.54
CA GLN B 92 -17.98 -17.64 17.93
C GLN B 92 -16.62 -18.30 17.88
N ILE B 93 -15.76 -17.88 16.96
CA ILE B 93 -14.41 -18.42 16.93
C ILE B 93 -13.39 -17.65 17.79
N GLY B 94 -13.85 -16.67 18.57
CA GLY B 94 -12.96 -15.88 19.45
C GLY B 94 -12.07 -14.88 18.71
N CYS B 95 -12.51 -14.47 17.54
CA CYS B 95 -11.74 -13.59 16.69
C CYS B 95 -11.75 -12.16 17.25
N THR B 96 -10.56 -11.56 17.36
CA THR B 96 -10.42 -10.15 17.71
C THR B 96 -9.53 -9.42 16.68
N LEU B 97 -9.63 -8.09 16.68
CA LEU B 97 -8.75 -7.23 15.91
C LEU B 97 -7.71 -6.65 16.86
N ASN B 98 -6.44 -6.84 16.54
CA ASN B 98 -5.37 -6.54 17.47
C ASN B 98 -4.40 -5.56 16.82
N PHE B 99 -3.99 -4.55 17.57
CA PHE B 99 -2.93 -3.63 17.13
C PHE B 99 -2.31 -2.83 18.27
N PRO C 1 18.22 -1.90 -24.66
CA PRO C 1 17.17 -0.96 -24.31
C PRO C 1 17.69 0.21 -23.51
N GLN C 2 16.93 1.27 -23.57
CA GLN C 2 17.32 2.51 -23.04
C GLN C 2 16.03 3.03 -22.44
N ILE C 3 15.96 3.04 -21.11
CA ILE C 3 14.82 3.59 -20.42
C ILE C 3 15.12 5.05 -20.09
N THR C 4 14.22 5.92 -20.56
CA THR C 4 14.29 7.34 -20.27
C THR C 4 13.55 7.61 -18.98
N LEU C 5 13.74 8.81 -18.45
CA LEU C 5 13.28 9.11 -17.13
C LEU C 5 12.21 10.20 -17.06
N TRP C 6 11.50 10.43 -18.17
CA TRP C 6 10.38 11.39 -18.16
C TRP C 6 9.27 10.89 -17.25
N LYS C 7 9.05 9.58 -17.26
CA LYS C 7 8.14 8.92 -16.31
C LYS C 7 8.93 8.01 -15.39
N ARG C 8 8.24 7.49 -14.37
CA ARG C 8 8.79 6.53 -13.47
C ARG C 8 9.25 5.33 -14.28
N PRO C 9 10.53 4.93 -14.13
CA PRO C 9 10.99 3.73 -14.83
C PRO C 9 10.42 2.45 -14.16
N LEU C 10 9.13 2.24 -14.32
CA LEU C 10 8.45 1.05 -13.87
C LEU C 10 8.59 -0.04 -14.93
N VAL C 11 8.98 -1.23 -14.50
CA VAL C 11 9.01 -2.36 -15.43
C VAL C 11 8.24 -3.57 -14.89
N THR C 12 7.94 -4.50 -15.78
CA THR C 12 7.29 -5.76 -15.41
C THR C 12 8.34 -6.76 -14.94
N ILE C 13 8.13 -7.31 -13.77
CA ILE C 13 8.99 -8.37 -13.24
C ILE C 13 8.19 -9.66 -13.04
N ARG C 14 8.87 -10.79 -13.12
CA ARG C 14 8.28 -12.11 -12.84
C ARG C 14 9.06 -12.75 -11.70
N ILE C 15 8.34 -13.05 -10.62
CA ILE C 15 8.97 -13.57 -9.41
C ILE C 15 8.00 -14.45 -8.62
N GLY C 16 8.49 -15.60 -8.20
CA GLY C 16 7.70 -16.51 -7.38
C GLY C 16 6.41 -16.86 -8.07
N GLY C 17 6.47 -17.08 -9.38
CA GLY C 17 5.28 -17.40 -10.18
C GLY C 17 4.31 -16.25 -10.37
N GLN C 18 4.77 -15.03 -10.13
CA GLN C 18 3.91 -13.81 -10.18
C GLN C 18 4.47 -12.68 -11.03
N LEU C 19 3.57 -11.94 -11.68
CA LEU C 19 3.92 -10.79 -12.49
C LEU C 19 3.67 -9.57 -11.65
N LYS C 20 4.66 -8.69 -11.53
CA LYS C 20 4.51 -7.48 -10.75
C LYS C 20 5.12 -6.32 -11.50
N GLU C 21 4.78 -5.12 -11.07
CA GLU C 21 5.35 -3.91 -11.61
C GLU C 21 6.33 -3.40 -10.58
N ALA C 22 7.48 -2.92 -11.04
CA ALA C 22 8.53 -2.52 -10.14
C ALA C 22 9.38 -1.39 -10.67
N LEU C 23 9.89 -0.59 -9.75
CA LEU C 23 10.60 0.66 -10.04
C LEU C 23 12.14 0.47 -10.09
N LEU C 24 12.73 0.69 -11.26
CA LEU C 24 14.19 0.64 -11.40
C LEU C 24 14.82 1.82 -10.67
N ASN C 25 15.54 1.53 -9.59
CA ASN C 25 15.90 2.53 -8.60
C ASN C 25 17.40 2.57 -8.27
N THR C 26 18.10 3.46 -8.92
CA THR C 26 19.50 3.62 -8.71
C THR C 26 19.83 4.17 -7.34
N GLY C 27 18.82 4.72 -6.64
CA GLY C 27 19.02 5.24 -5.29
C GLY C 27 18.68 4.26 -4.19
N ALA C 28 18.54 2.99 -4.57
CA ALA C 28 18.31 1.90 -3.66
C ALA C 28 19.48 0.92 -3.74
N ASP C 29 20.13 0.66 -2.60
CA ASP C 29 21.15 -0.40 -2.51
C ASP C 29 20.58 -1.79 -2.87
N ASP C 30 19.41 -2.07 -2.31
CA ASP C 30 18.80 -3.41 -2.33
C ASP C 30 17.44 -3.40 -3.02
N THR C 31 16.94 -4.59 -3.30
CA THR C 31 15.65 -4.79 -3.91
C THR C 31 14.63 -5.15 -2.81
N VAL C 32 13.52 -4.41 -2.77
CA VAL C 32 12.48 -4.62 -1.77
C VAL C 32 11.10 -4.61 -2.44
N LEU C 33 10.32 -5.66 -2.18
CA LEU C 33 8.99 -5.83 -2.75
C LEU C 33 7.97 -5.83 -1.66
N GLU C 34 6.77 -5.39 -2.03
CA GLU C 34 5.65 -5.44 -1.13
C GLU C 34 5.38 -6.87 -0.68
N GLU C 35 4.59 -6.99 0.37
CA GLU C 35 4.34 -8.27 0.99
C GLU C 35 3.94 -9.34 -0.01
N MET C 36 4.59 -10.49 0.15
CA MET C 36 4.36 -11.65 -0.69
C MET C 36 5.02 -12.84 -0.04
N ASN C 37 4.63 -14.01 -0.52
CA ASN C 37 5.26 -15.25 -0.14
C ASN C 37 6.40 -15.61 -1.07
N LEU C 38 7.51 -16.07 -0.47
CA LEU C 38 8.64 -16.64 -1.22
C LEU C 38 9.07 -17.92 -0.52
N PRO C 39 9.55 -18.90 -1.29
CA PRO C 39 10.01 -20.17 -0.71
C PRO C 39 11.41 -20.06 -0.15
N GLY C 40 11.70 -20.89 0.84
CA GLY C 40 13.03 -21.03 1.38
C GLY C 40 13.26 -20.25 2.65
N LYS C 41 14.53 -20.18 3.05
CA LYS C 41 14.95 -19.50 4.26
C LYS C 41 14.96 -17.99 4.10
N TRP C 42 14.77 -17.31 5.21
CA TRP C 42 14.86 -15.85 5.22
C TRP C 42 15.37 -15.38 6.55
N LYS C 43 15.78 -14.11 6.61
CA LYS C 43 16.10 -13.52 7.90
C LYS C 43 15.76 -12.05 8.01
N PRO C 44 15.45 -11.61 9.23
CA PRO C 44 14.96 -10.25 9.32
C PRO C 44 16.05 -9.23 9.12
N LYS C 45 15.69 -8.12 8.48
CA LYS C 45 16.59 -7.01 8.30
C LYS C 45 15.79 -5.74 8.41
N MET C 46 16.50 -4.64 8.63
CA MET C 46 15.97 -3.28 8.53
C MET C 46 16.59 -2.60 7.31
N ILE C 47 15.78 -1.83 6.60
CA ILE C 47 16.27 -0.91 5.60
C ILE C 47 15.70 0.47 5.87
N GLY C 48 16.48 1.48 5.49
CA GLY C 48 16.14 2.85 5.79
C GLY C 48 16.14 3.70 4.56
N GLY C 49 15.31 4.74 4.57
CA GLY C 49 15.16 5.63 3.43
C GLY C 49 14.78 7.00 3.89
N VAL C 50 14.24 7.80 2.97
CA VAL C 50 13.62 9.06 3.36
C VAL C 50 12.39 8.72 4.20
N GLY C 51 12.33 9.23 5.42
CA GLY C 51 11.15 9.04 6.28
C GLY C 51 11.28 8.01 7.38
N GLY C 52 12.38 7.26 7.42
CA GLY C 52 12.60 6.27 8.48
C GLY C 52 12.99 4.88 7.97
N PHE C 53 12.83 3.87 8.83
CA PHE C 53 13.22 2.49 8.51
C PHE C 53 12.02 1.59 8.56
N ILE C 54 12.09 0.50 7.80
CA ILE C 54 11.09 -0.55 7.82
C ILE C 54 11.81 -1.89 8.02
N LYS C 55 11.08 -2.83 8.63
CA LYS C 55 11.57 -4.16 8.90
C LYS C 55 11.13 -5.04 7.76
N VAL C 56 12.07 -5.82 7.24
CA VAL C 56 11.81 -6.66 6.08
C VAL C 56 12.24 -8.10 6.34
N ARG C 57 11.88 -9.00 5.42
CA ARG C 57 12.43 -10.35 5.39
C ARG C 57 13.36 -10.47 4.18
N GLN C 58 14.58 -10.94 4.41
CA GLN C 58 15.62 -11.07 3.37
C GLN C 58 15.72 -12.51 2.82
N TYR C 59 15.41 -12.69 1.53
CA TYR C 59 15.44 -13.99 0.86
C TYR C 59 16.60 -14.00 -0.13
N ASP C 60 17.54 -14.92 0.00
CA ASP C 60 18.70 -14.93 -0.92
C ASP C 60 18.48 -15.88 -2.07
N GLN C 61 19.20 -15.61 -3.16
CA GLN C 61 19.19 -16.40 -4.39
C GLN C 61 17.78 -16.77 -4.85
N ILE C 62 17.00 -15.73 -5.13
CA ILE C 62 15.63 -15.83 -5.58
C ILE C 62 15.63 -15.49 -7.06
N PRO C 63 15.18 -16.43 -7.91
CA PRO C 63 15.13 -16.09 -9.31
C PRO C 63 14.10 -15.01 -9.55
N ILE C 64 14.45 -14.05 -10.38
CA ILE C 64 13.56 -12.96 -10.70
C ILE C 64 13.90 -12.52 -12.12
N GLU C 65 12.87 -12.30 -12.93
CA GLU C 65 13.06 -11.85 -14.30
C GLU C 65 12.59 -10.41 -14.40
N ILE C 66 13.47 -9.56 -14.92
CA ILE C 66 13.25 -8.13 -14.97
C ILE C 66 13.29 -7.68 -16.43
N CYS C 67 12.14 -7.22 -16.92
N CYS C 67 12.13 -7.31 -16.97
CA CYS C 67 11.92 -6.91 -18.33
CA CYS C 67 12.02 -6.86 -18.34
C CYS C 67 12.71 -7.87 -19.24
C CYS C 67 12.71 -7.86 -19.28
N GLY C 68 12.41 -9.15 -19.12
CA GLY C 68 13.02 -10.17 -19.97
C GLY C 68 14.42 -10.63 -19.60
N HIS C 69 14.97 -10.17 -18.48
CA HIS C 69 16.33 -10.57 -18.07
C HIS C 69 16.33 -11.43 -16.82
N LYS C 70 16.76 -12.67 -16.97
CA LYS C 70 16.73 -13.66 -15.89
C LYS C 70 17.91 -13.54 -14.94
N VAL C 71 17.65 -13.05 -13.74
CA VAL C 71 18.66 -12.89 -12.71
C VAL C 71 18.25 -13.70 -11.45
N ILE C 72 19.17 -13.84 -10.51
CA ILE C 72 18.94 -14.55 -9.25
C ILE C 72 19.71 -13.84 -8.16
N GLY C 73 19.01 -13.35 -7.18
CA GLY C 73 19.64 -12.53 -6.14
C GLY C 73 18.79 -12.31 -4.91
N THR C 74 19.24 -11.37 -4.08
CA THR C 74 18.58 -11.08 -2.81
C THR C 74 17.36 -10.16 -3.00
N VAL C 75 16.26 -10.63 -2.45
CA VAL C 75 14.98 -9.96 -2.55
C VAL C 75 14.46 -9.74 -1.12
N LEU C 76 14.21 -8.48 -0.78
CA LEU C 76 13.67 -8.10 0.53
C LEU C 76 12.17 -7.98 0.41
N VAL C 77 11.46 -8.46 1.43
CA VAL C 77 10.01 -8.37 1.45
C VAL C 77 9.52 -7.62 2.68
N GLY C 78 8.66 -6.63 2.49
CA GLY C 78 8.14 -5.83 3.61
C GLY C 78 7.31 -4.65 3.16
N PRO C 79 6.93 -3.76 4.09
CA PRO C 79 5.99 -2.70 3.72
C PRO C 79 6.60 -1.47 3.02
N THR C 80 7.20 -1.68 1.86
CA THR C 80 7.59 -0.61 0.95
C THR C 80 6.34 -0.03 0.27
N PRO C 81 6.29 1.30 0.07
CA PRO C 81 5.13 1.84 -0.65
C PRO C 81 5.10 1.43 -2.13
N VAL C 82 6.25 1.05 -2.68
CA VAL C 82 6.32 0.57 -4.05
C VAL C 82 7.41 -0.50 -4.22
N ASN C 83 7.12 -1.51 -5.05
CA ASN C 83 8.11 -2.51 -5.43
C ASN C 83 9.31 -1.81 -6.03
N ILE C 84 10.49 -2.22 -5.55
CA ILE C 84 11.71 -1.52 -5.90
C ILE C 84 12.81 -2.50 -6.30
N ILE C 85 13.38 -2.26 -7.46
CA ILE C 85 14.56 -2.96 -7.93
C ILE C 85 15.83 -2.13 -7.66
N GLY C 86 16.67 -2.67 -6.79
CA GLY C 86 17.86 -1.96 -6.31
C GLY C 86 19.14 -2.27 -7.06
N ARG C 87 20.22 -1.64 -6.62
CA ARG C 87 21.49 -1.78 -7.33
C ARG C 87 21.97 -3.23 -7.35
N ASN C 88 21.66 -4.02 -6.34
CA ASN C 88 22.06 -5.44 -6.34
C ASN C 88 21.59 -6.18 -7.59
N LEU C 89 20.39 -5.87 -8.08
CA LEU C 89 19.90 -6.51 -9.30
C LEU C 89 20.12 -5.69 -10.58
N LEU C 90 20.21 -4.36 -10.45
CA LEU C 90 20.53 -3.54 -11.61
C LEU C 90 21.91 -3.94 -12.18
N THR C 91 22.86 -4.23 -11.30
CA THR C 91 24.20 -4.67 -11.74
C THR C 91 24.13 -6.05 -12.39
N GLN C 92 23.20 -6.91 -11.96
CA GLN C 92 23.09 -8.21 -12.58
C GLN C 92 22.64 -8.15 -14.03
N ILE C 93 21.77 -7.20 -14.35
CA ILE C 93 21.27 -7.05 -15.71
C ILE C 93 22.14 -6.14 -16.55
N GLY C 94 23.25 -5.68 -15.96
CA GLY C 94 24.20 -4.80 -16.62
C GLY C 94 23.68 -3.40 -16.83
N CYS C 95 22.90 -2.89 -15.87
CA CYS C 95 22.33 -1.57 -15.99
C CYS C 95 23.34 -0.45 -15.64
N THR C 96 23.43 0.57 -16.50
CA THR C 96 24.27 1.76 -16.25
C THR C 96 23.44 3.04 -16.42
N LEU C 97 23.89 4.10 -15.75
CA LEU C 97 23.38 5.44 -15.98
C LEU C 97 24.22 6.08 -17.06
N ASN C 98 23.56 6.63 -18.07
CA ASN C 98 24.29 7.22 -19.18
C ASN C 98 23.82 8.62 -19.53
N PHE C 99 24.78 9.49 -19.78
CA PHE C 99 24.51 10.80 -20.37
C PHE C 99 25.78 11.28 -21.04
N PRO D 1 29.02 10.71 -19.82
CA PRO D 1 29.68 9.49 -19.37
C PRO D 1 28.72 8.34 -19.06
N GLN D 2 29.30 7.27 -18.55
CA GLN D 2 28.57 6.10 -18.18
C GLN D 2 28.94 5.76 -16.74
N ILE D 3 27.94 5.63 -15.88
CA ILE D 3 28.20 5.33 -14.49
C ILE D 3 27.69 3.92 -14.18
N THR D 4 28.53 3.09 -13.58
CA THR D 4 28.16 1.74 -13.19
C THR D 4 27.56 1.82 -11.79
N LEU D 5 26.94 0.72 -11.35
CA LEU D 5 26.15 0.73 -10.12
C LEU D 5 26.64 -0.25 -9.05
N TRP D 6 27.93 -0.56 -9.10
CA TRP D 6 28.60 -1.37 -8.06
C TRP D 6 28.66 -0.59 -6.76
N LYS D 7 28.78 0.72 -6.89
CA LYS D 7 28.75 1.66 -5.78
C LYS D 7 27.57 2.60 -5.99
N ARG D 8 27.21 3.31 -4.92
CA ARG D 8 26.26 4.43 -5.01
C ARG D 8 26.73 5.45 -6.03
N PRO D 9 25.86 5.82 -6.99
CA PRO D 9 26.22 6.79 -8.02
C PRO D 9 26.15 8.22 -7.49
N LEU D 10 27.17 8.57 -6.72
CA LEU D 10 27.32 9.89 -6.15
C LEU D 10 28.06 10.79 -7.12
N VAL D 11 27.69 12.08 -7.12
CA VAL D 11 28.34 13.09 -7.97
C VAL D 11 28.40 14.41 -7.23
N THR D 12 29.27 15.30 -7.69
CA THR D 12 29.31 16.65 -7.16
C THR D 12 28.29 17.52 -7.87
N ILE D 13 27.52 18.27 -7.09
CA ILE D 13 26.66 19.29 -7.65
C ILE D 13 27.11 20.66 -7.13
N ARG D 14 26.76 21.70 -7.89
CA ARG D 14 26.96 23.08 -7.49
C ARG D 14 25.61 23.76 -7.35
N ILE D 15 25.35 24.32 -6.18
CA ILE D 15 24.10 25.03 -5.92
C ILE D 15 24.39 26.18 -4.99
N GLY D 16 23.82 27.34 -5.32
CA GLY D 16 24.13 28.58 -4.61
C GLY D 16 25.62 28.82 -4.42
N GLY D 17 26.39 28.58 -5.48
CA GLY D 17 27.85 28.76 -5.47
C GLY D 17 28.61 27.74 -4.61
N GLN D 18 27.90 26.74 -4.09
CA GLN D 18 28.44 25.81 -3.11
C GLN D 18 28.49 24.38 -3.66
N LEU D 19 29.55 23.66 -3.33
CA LEU D 19 29.70 22.27 -3.77
C LEU D 19 29.11 21.27 -2.77
N LYS D 20 28.28 20.36 -3.25
CA LYS D 20 27.76 19.24 -2.44
C LYS D 20 27.86 17.87 -3.13
N GLU D 21 27.79 16.81 -2.34
CA GLU D 21 27.73 15.46 -2.87
C GLU D 21 26.25 15.05 -2.97
N ALA D 22 25.86 14.49 -4.11
CA ALA D 22 24.49 14.02 -4.29
C ALA D 22 24.39 12.70 -5.05
N LEU D 23 23.29 12.00 -4.76
CA LEU D 23 23.02 10.66 -5.27
C LEU D 23 22.09 10.73 -6.50
N LEU D 24 22.53 10.16 -7.62
CA LEU D 24 21.72 10.12 -8.85
C LEU D 24 20.69 9.02 -8.68
N ASN D 25 19.42 9.42 -8.62
CA ASN D 25 18.39 8.57 -8.06
C ASN D 25 17.19 8.46 -8.99
N THR D 26 17.19 7.40 -9.80
CA THR D 26 16.07 7.11 -10.70
C THR D 26 14.77 6.75 -9.98
N GLY D 27 14.85 6.50 -8.67
CA GLY D 27 13.68 6.16 -7.86
C GLY D 27 13.08 7.35 -7.12
N ALA D 28 13.59 8.53 -7.46
CA ALA D 28 13.13 9.78 -6.88
C ALA D 28 12.42 10.59 -7.96
N ASP D 29 11.17 11.01 -7.73
CA ASP D 29 10.53 11.91 -8.69
C ASP D 29 11.24 13.26 -8.65
N ASP D 30 11.66 13.64 -7.45
CA ASP D 30 12.11 14.99 -7.15
C ASP D 30 13.55 15.00 -6.64
N THR D 31 14.10 16.20 -6.58
CA THR D 31 15.43 16.42 -6.05
C THR D 31 15.25 16.94 -4.62
N VAL D 32 15.83 16.21 -3.66
CA VAL D 32 15.65 16.53 -2.26
C VAL D 32 17.01 16.74 -1.62
N LEU D 33 17.29 17.94 -1.13
CA LEU D 33 18.57 18.17 -0.44
C LEU D 33 18.43 18.29 1.06
N GLU D 34 19.50 17.95 1.77
CA GLU D 34 19.61 18.13 3.23
C GLU D 34 19.34 19.59 3.62
N GLU D 35 19.02 19.81 4.89
CA GLU D 35 18.72 21.15 5.37
C GLU D 35 19.80 22.15 4.94
N MET D 36 19.34 23.22 4.32
CA MET D 36 20.16 24.32 3.83
C MET D 36 19.24 25.50 3.57
N ASN D 37 19.79 26.69 3.38
CA ASN D 37 18.98 27.83 2.95
C ASN D 37 19.03 27.99 1.43
N LEU D 38 17.89 28.39 0.87
CA LEU D 38 17.79 28.78 -0.54
C LEU D 38 16.96 30.06 -0.57
N PRO D 39 17.27 30.95 -1.50
CA PRO D 39 16.55 32.20 -1.51
C PRO D 39 15.33 32.14 -2.41
N GLY D 40 14.41 33.06 -2.19
CA GLY D 40 13.22 33.21 -3.00
C GLY D 40 11.99 32.66 -2.31
N LYS D 41 10.91 32.53 -3.07
CA LYS D 41 9.67 32.00 -2.54
C LYS D 41 9.80 30.48 -2.29
N TRP D 42 9.06 29.99 -1.32
CA TRP D 42 9.03 28.57 -1.04
C TRP D 42 7.64 28.24 -0.56
N LYS D 43 7.29 26.97 -0.57
CA LYS D 43 6.14 26.54 0.20
C LYS D 43 6.32 25.15 0.76
N PRO D 44 5.66 24.86 1.89
CA PRO D 44 5.83 23.56 2.51
C PRO D 44 5.09 22.43 1.79
N LYS D 45 5.64 21.23 1.90
CA LYS D 45 5.06 20.02 1.30
C LYS D 45 5.43 18.81 2.15
N MET D 46 4.63 17.75 2.05
CA MET D 46 5.01 16.44 2.55
C MET D 46 5.40 15.57 1.35
N ILE D 47 6.53 14.86 1.46
CA ILE D 47 6.86 13.83 0.47
C ILE D 47 7.05 12.48 1.14
N GLY D 48 6.73 11.42 0.41
CA GLY D 48 6.85 10.06 0.91
C GLY D 48 8.07 9.33 0.38
N GLY D 49 8.57 8.42 1.22
CA GLY D 49 9.76 7.65 0.91
C GLY D 49 9.60 6.24 1.41
N VAL D 50 10.68 5.50 1.49
CA VAL D 50 10.55 4.11 1.82
C VAL D 50 10.06 3.91 3.27
N GLY D 51 10.57 4.69 4.23
CA GLY D 51 10.12 4.57 5.63
C GLY D 51 9.03 5.54 6.07
N GLY D 52 8.33 6.19 5.13
CA GLY D 52 7.25 7.12 5.48
C GLY D 52 7.48 8.53 4.91
N PHE D 53 6.96 9.54 5.62
CA PHE D 53 6.83 10.88 5.05
C PHE D 53 7.65 11.93 5.80
N ILE D 54 8.21 12.89 5.04
CA ILE D 54 8.90 14.03 5.63
C ILE D 54 8.40 15.37 5.09
N LYS D 55 8.51 16.39 5.95
CA LYS D 55 8.14 17.74 5.59
C LYS D 55 9.33 18.45 4.94
N VAL D 56 9.07 19.07 3.80
CA VAL D 56 10.09 19.83 3.07
C VAL D 56 9.58 21.21 2.66
N ARG D 57 10.51 22.07 2.28
CA ARG D 57 10.22 23.34 1.63
C ARG D 57 10.53 23.15 0.17
N GLN D 58 9.60 23.50 -0.68
CA GLN D 58 9.77 23.47 -2.12
C GLN D 58 10.25 24.85 -2.57
N TYR D 59 11.38 24.86 -3.28
CA TYR D 59 11.90 26.04 -3.98
C TYR D 59 11.87 25.77 -5.48
N ASP D 60 11.29 26.68 -6.26
CA ASP D 60 11.17 26.51 -7.72
C ASP D 60 12.25 27.29 -8.47
N GLN D 61 12.60 26.79 -9.66
CA GLN D 61 13.48 27.50 -10.60
C GLN D 61 14.85 27.82 -10.02
N ILE D 62 15.41 26.81 -9.35
CA ILE D 62 16.73 26.87 -8.71
C ILE D 62 17.83 26.33 -9.67
N PRO D 63 18.87 27.14 -9.95
CA PRO D 63 19.92 26.62 -10.84
C PRO D 63 20.90 25.76 -10.08
N ILE D 64 21.27 24.65 -10.71
CA ILE D 64 22.17 23.67 -10.17
C ILE D 64 23.03 23.20 -11.30
N GLU D 65 24.29 22.96 -11.01
CA GLU D 65 25.19 22.36 -11.95
C GLU D 65 25.50 20.96 -11.47
N ILE D 66 25.34 19.98 -12.37
CA ILE D 66 25.53 18.57 -12.06
C ILE D 66 26.39 17.97 -13.17
N CYS D 67 27.55 17.44 -12.82
CA CYS D 67 28.47 16.83 -13.80
C CYS D 67 28.79 17.73 -14.99
N GLY D 68 28.95 19.02 -14.74
CA GLY D 68 29.16 19.98 -15.84
C GLY D 68 27.96 20.12 -16.76
N HIS D 69 26.76 19.91 -16.22
CA HIS D 69 25.52 20.26 -16.90
C HIS D 69 24.79 21.33 -16.10
N LYS D 70 24.62 22.50 -16.67
CA LYS D 70 23.87 23.58 -16.04
C LYS D 70 22.38 23.44 -16.29
N VAL D 71 21.65 23.20 -15.21
CA VAL D 71 20.24 22.94 -15.28
C VAL D 71 19.51 23.84 -14.28
N ILE D 72 18.19 23.87 -14.37
CA ILE D 72 17.38 24.68 -13.47
C ILE D 72 16.13 23.88 -13.16
N GLY D 73 15.81 23.76 -11.88
CA GLY D 73 14.56 23.11 -11.49
C GLY D 73 14.16 23.27 -10.05
N THR D 74 13.07 22.60 -9.71
CA THR D 74 12.57 22.62 -8.37
C THR D 74 13.46 21.80 -7.46
N VAL D 75 13.70 22.33 -6.26
CA VAL D 75 14.47 21.64 -5.24
C VAL D 75 13.67 21.61 -3.94
N LEU D 76 13.64 20.43 -3.31
CA LEU D 76 12.99 20.23 -2.02
C LEU D 76 14.08 20.16 -0.97
N VAL D 77 13.91 20.93 0.09
CA VAL D 77 14.86 20.98 1.20
C VAL D 77 14.19 20.39 2.44
N GLY D 78 14.86 19.45 3.09
CA GLY D 78 14.31 18.80 4.28
C GLY D 78 15.22 17.73 4.85
N PRO D 79 14.74 17.01 5.89
CA PRO D 79 15.57 16.02 6.56
C PRO D 79 15.70 14.66 5.83
N THR D 80 16.23 14.70 4.62
CA THR D 80 16.68 13.51 3.88
C THR D 80 18.07 13.08 4.38
N PRO D 81 18.32 11.77 4.52
CA PRO D 81 19.66 11.31 4.94
C PRO D 81 20.77 11.57 3.92
N VAL D 82 20.40 11.76 2.66
CA VAL D 82 21.36 11.99 1.60
C VAL D 82 20.80 13.02 0.65
N ASN D 83 21.68 13.82 0.07
CA ASN D 83 21.28 14.66 -1.05
C ASN D 83 20.90 13.76 -2.19
N ILE D 84 19.71 14.01 -2.77
CA ILE D 84 19.14 13.14 -3.79
C ILE D 84 18.85 13.94 -5.06
N ILE D 85 19.30 13.44 -6.21
CA ILE D 85 18.95 14.02 -7.49
C ILE D 85 17.92 13.14 -8.20
N GLY D 86 16.70 13.66 -8.34
CA GLY D 86 15.58 12.92 -8.90
C GLY D 86 15.37 13.21 -10.37
N ARG D 87 14.29 12.66 -10.90
CA ARG D 87 14.08 12.60 -12.33
C ARG D 87 13.80 13.98 -12.93
N ASN D 88 13.26 14.91 -12.13
CA ASN D 88 13.05 16.28 -12.63
C ASN D 88 14.35 16.86 -13.15
N LEU D 89 15.48 16.46 -12.57
CA LEU D 89 16.79 16.93 -13.02
C LEU D 89 17.65 15.94 -13.82
N LEU D 90 17.47 14.65 -13.59
CA LEU D 90 18.09 13.62 -14.41
C LEU D 90 17.71 13.74 -15.89
N THR D 91 16.44 14.08 -16.13
CA THR D 91 15.98 14.27 -17.50
C THR D 91 16.70 15.45 -18.12
N GLN D 92 17.02 16.49 -17.34
CA GLN D 92 17.61 17.71 -17.91
C GLN D 92 19.06 17.56 -18.36
N ILE D 93 19.79 16.68 -17.70
CA ILE D 93 21.14 16.36 -18.11
C ILE D 93 21.17 15.23 -19.14
N GLY D 94 20.01 14.68 -19.49
CA GLY D 94 19.90 13.68 -20.56
C GLY D 94 20.22 12.27 -20.11
N CYS D 95 19.94 11.97 -18.84
CA CYS D 95 20.35 10.72 -18.26
C CYS D 95 19.34 9.59 -18.55
N THR D 96 19.84 8.44 -19.04
CA THR D 96 19.01 7.27 -19.28
C THR D 96 19.56 6.04 -18.56
N LEU D 97 18.69 5.07 -18.29
CA LEU D 97 19.10 3.74 -17.84
C LEU D 97 19.35 2.89 -19.07
N ASN D 98 20.48 2.20 -19.12
CA ASN D 98 20.83 1.39 -20.28
C ASN D 98 21.28 0.04 -19.82
N PHE D 99 20.74 -1.01 -20.43
CA PHE D 99 21.15 -2.37 -20.10
C PHE D 99 20.98 -3.25 -21.32
N ARG E 1 23.34 2.26 8.38
CA ARG E 1 22.79 3.56 7.86
C ARG E 1 21.78 3.30 6.73
N PRO E 2 20.86 4.28 6.48
CA PRO E 2 19.81 4.05 5.48
C PRO E 2 20.31 3.89 4.04
N GLY E 3 19.62 3.04 3.29
CA GLY E 3 20.05 2.69 1.96
C GLY E 3 19.04 2.61 0.83
N ASN E 4 17.77 2.89 1.08
N ASN E 4 17.78 2.93 1.06
CA ASN E 4 16.78 2.87 -0.01
CA ASN E 4 16.84 2.84 -0.04
C ASN E 4 16.04 4.20 -0.15
C ASN E 4 16.00 4.14 -0.21
N PHE E 5 16.51 5.02 -1.05
CA PHE E 5 16.00 6.39 -1.16
C PHE E 5 14.94 6.66 -2.21
N LEU E 6 14.03 5.72 -2.44
CA LEU E 6 12.76 6.05 -3.07
C LEU E 6 12.17 7.39 -2.58
N GLN E 7 11.57 8.11 -3.50
CA GLN E 7 10.84 9.30 -3.14
C GLN E 7 9.73 9.55 -4.15
N SER E 8 8.56 9.89 -3.62
CA SER E 8 7.38 10.22 -4.38
C SER E 8 6.99 11.71 -4.16
N ARG E 9 6.60 12.37 -5.24
CA ARG E 9 6.06 13.73 -5.20
C ARG E 9 4.79 13.81 -4.37
N PRO E 10 4.41 15.04 -3.91
CA PRO E 10 3.14 15.12 -3.20
C PRO E 10 1.98 15.09 -4.17
N ARG F 1 -12.93 -5.10 -9.87
CA ARG F 1 -13.77 -6.13 -9.16
C ARG F 1 -14.45 -5.49 -7.95
N PRO F 2 -15.44 -6.18 -7.36
CA PRO F 2 -15.89 -5.63 -6.08
C PRO F 2 -14.82 -5.85 -5.01
N GLY F 3 -14.62 -4.86 -4.14
CA GLY F 3 -13.59 -4.88 -3.10
C GLY F 3 -13.92 -4.24 -1.75
N ASN F 4 -15.13 -3.74 -1.57
CA ASN F 4 -15.54 -3.25 -0.27
C ASN F 4 -16.81 -3.95 0.24
N PHE F 5 -16.63 -4.93 1.11
CA PHE F 5 -17.78 -5.74 1.48
C PHE F 5 -18.40 -5.43 2.84
N LEU F 6 -18.53 -4.16 3.21
CA LEU F 6 -19.42 -3.78 4.30
C LEU F 6 -20.75 -4.51 4.19
N GLN F 7 -21.25 -5.00 5.30
CA GLN F 7 -22.61 -5.53 5.30
C GLN F 7 -23.38 -5.20 6.57
N SER F 8 -24.59 -4.74 6.33
CA SER F 8 -25.44 -4.11 7.32
C SER F 8 -26.69 -4.98 7.46
N ARG F 9 -26.98 -5.45 8.66
CA ARG F 9 -28.36 -5.87 8.99
C ARG F 9 -29.12 -4.60 9.46
N PRO F 10 -30.01 -4.07 8.59
CA PRO F 10 -30.57 -2.71 8.69
C PRO F 10 -31.23 -2.39 10.01
#